data_7D2W
#
_entry.id   7D2W
#
_cell.length_a   78.523
_cell.length_b   78.523
_cell.length_c   100.559
_cell.angle_alpha   90.000
_cell.angle_beta   90.000
_cell.angle_gamma   120.000
#
_symmetry.space_group_name_H-M   'P 65'
#
loop_
_entity.id
_entity.type
_entity.pdbx_description
1 polymer 'PRESAN domain-containing protein'
2 non-polymer 'MERCURY (II) ION'
3 water water
#
_entity_poly.entity_id   1
_entity_poly.type   'polypeptide(L)'
_entity_poly.pdbx_seq_one_letter_code
;MGRNEIHKNSLGFGKNDNIYSRNLAQLKLSNYSLLKDSKFESVTEQLTREELYELFDLLVQVPPRTYLLNIWNHKNGICR
QGTKDLLKNLRGIAPKLTYRHTGNTNQYGKSPPKITWQGCSYDCNMMVSTLETEQTNRFYNLLNKKAPIDEIKSFIRSCI
DEFDKLHTDLYVKYEKIFSEQKLEHHHHHH
;
_entity_poly.pdbx_strand_id   A,B
#
loop_
_chem_comp.id
_chem_comp.type
_chem_comp.name
_chem_comp.formula
HG non-polymer 'MERCURY (II) ION' 'Hg 2'
#
# COMPACT_ATOMS: atom_id res chain seq x y z
N GLU A 45 24.60 -11.29 1.38
CA GLU A 45 23.70 -12.17 0.64
C GLU A 45 22.21 -11.86 0.94
N GLN A 46 21.78 -10.64 0.58
CA GLN A 46 20.45 -10.15 0.91
C GLN A 46 19.36 -11.00 0.24
N LEU A 47 18.46 -11.55 1.06
CA LEU A 47 17.34 -12.32 0.51
C LEU A 47 16.33 -11.38 -0.13
N THR A 48 15.71 -11.85 -1.22
CA THR A 48 14.55 -11.16 -1.73
C THR A 48 13.34 -11.51 -0.87
N ARG A 49 12.30 -10.68 -0.98
CA ARG A 49 11.05 -10.96 -0.29
C ARG A 49 10.55 -12.35 -0.64
N GLU A 50 10.60 -12.69 -1.93
CA GLU A 50 10.19 -14.02 -2.37
C GLU A 50 11.00 -15.11 -1.67
N GLU A 51 12.31 -14.93 -1.56
CA GLU A 51 13.15 -15.94 -0.92
C GLU A 51 12.88 -16.01 0.57
N LEU A 52 12.55 -14.88 1.18
CA LEU A 52 12.23 -14.88 2.61
C LEU A 52 10.93 -15.62 2.89
N TYR A 53 9.92 -15.43 2.03
CA TYR A 53 8.65 -16.11 2.27
C TYR A 53 8.74 -17.61 1.97
N GLU A 54 9.54 -18.00 0.98
CA GLU A 54 9.81 -19.42 0.76
C GLU A 54 10.54 -20.00 1.98
N LEU A 55 11.55 -19.29 2.47
CA LEU A 55 12.27 -19.72 3.67
C LEU A 55 11.37 -19.80 4.89
N PHE A 56 10.28 -19.01 4.92
CA PHE A 56 9.31 -19.09 6.01
C PHE A 56 8.53 -20.39 6.01
N ASP A 57 8.75 -21.27 5.04
CA ASP A 57 8.14 -22.59 5.09
C ASP A 57 9.14 -23.67 5.46
N LEU A 58 10.44 -23.38 5.31
CA LEU A 58 11.48 -24.25 5.85
C LEU A 58 11.58 -24.14 7.37
N LEU A 59 10.92 -23.14 7.96
CA LEU A 59 10.82 -23.00 9.42
C LEU A 59 9.49 -23.60 9.86
N VAL A 60 9.54 -24.86 10.22
CA VAL A 60 8.37 -25.55 10.80
C VAL A 60 8.41 -25.47 12.32
N GLN A 61 9.61 -25.35 12.90
CA GLN A 61 9.83 -25.14 14.31
C GLN A 61 10.53 -23.80 14.49
N VAL A 62 10.43 -23.25 15.70
CA VAL A 62 11.16 -22.04 16.04
C VAL A 62 12.65 -22.32 15.89
N PRO A 63 13.37 -21.54 15.08
CA PRO A 63 14.81 -21.76 14.92
C PRO A 63 15.58 -21.05 16.02
N PRO A 64 16.90 -21.24 16.10
CA PRO A 64 17.68 -20.54 17.13
C PRO A 64 17.62 -19.03 16.93
N ARG A 65 17.89 -18.30 18.02
CA ARG A 65 17.71 -16.85 18.02
C ARG A 65 18.63 -16.17 17.01
N THR A 66 19.88 -16.63 16.89
CA THR A 66 20.79 -16.11 15.86
C THR A 66 20.15 -16.20 14.48
N TYR A 67 19.48 -17.31 14.20
CA TYR A 67 18.78 -17.46 12.94
C TYR A 67 17.69 -16.42 12.81
N LEU A 68 16.88 -16.29 13.87
CA LEU A 68 15.80 -15.29 13.84
C LEU A 68 16.35 -13.88 13.65
N LEU A 69 17.49 -13.56 14.25
CA LEU A 69 18.05 -12.21 14.08
C LEU A 69 18.55 -12.00 12.66
N ASN A 70 19.10 -13.04 12.06
CA ASN A 70 19.52 -13.01 10.65
C ASN A 70 18.33 -12.71 9.74
N ILE A 71 17.22 -13.41 9.97
N ILE A 71 17.22 -13.42 9.97
CA ILE A 71 16.00 -13.16 9.20
CA ILE A 71 15.98 -13.17 9.24
C ILE A 71 15.56 -11.70 9.34
C ILE A 71 15.58 -11.70 9.35
N TRP A 72 15.59 -11.16 10.57
CA TRP A 72 15.20 -9.77 10.78
C TRP A 72 16.12 -8.79 10.01
N ASN A 73 17.42 -9.09 9.94
CA ASN A 73 18.30 -8.23 9.15
C ASN A 73 17.91 -8.26 7.68
N HIS A 74 17.53 -9.43 7.14
CA HIS A 74 17.04 -9.48 5.77
C HIS A 74 15.73 -8.69 5.64
N LYS A 75 14.87 -8.75 6.65
CA LYS A 75 13.66 -7.91 6.64
C LYS A 75 14.02 -6.43 6.55
N ASN A 76 14.97 -6.00 7.39
CA ASN A 76 15.42 -4.61 7.36
C ASN A 76 15.94 -4.22 5.99
N GLY A 77 16.73 -5.09 5.35
CA GLY A 77 17.24 -4.79 4.03
C GLY A 77 16.14 -4.62 3.00
N ILE A 78 15.10 -5.43 3.10
CA ILE A 78 13.96 -5.32 2.18
C ILE A 78 13.24 -3.99 2.39
N CYS A 79 12.96 -3.65 3.65
CA CYS A 79 12.23 -2.40 3.89
C CYS A 79 13.07 -1.18 3.52
N ARG A 80 14.36 -1.20 3.86
CA ARG A 80 15.23 -0.07 3.55
C ARG A 80 15.39 0.14 2.05
N GLN A 81 15.37 -0.93 1.26
CA GLN A 81 15.39 -0.75 -0.18
C GLN A 81 14.09 -0.14 -0.67
N GLY A 82 12.98 -0.50 -0.03
CA GLY A 82 11.71 0.17 -0.32
C GLY A 82 11.78 1.67 -0.07
N THR A 83 12.41 2.08 1.02
CA THR A 83 12.57 3.50 1.30
C THR A 83 13.45 4.17 0.24
N LYS A 84 14.59 3.56 -0.09
CA LYS A 84 15.44 4.10 -1.15
C LYS A 84 14.66 4.28 -2.44
N ASP A 85 13.84 3.28 -2.80
CA ASP A 85 13.04 3.35 -4.03
C ASP A 85 12.01 4.47 -3.97
N LEU A 86 11.36 4.63 -2.82
CA LEU A 86 10.40 5.72 -2.66
C LEU A 86 11.07 7.08 -2.86
N LEU A 87 12.23 7.29 -2.24
CA LEU A 87 12.91 8.57 -2.35
C LEU A 87 13.39 8.81 -3.78
N LYS A 88 13.82 7.75 -4.46
CA LYS A 88 14.19 7.85 -5.87
C LYS A 88 12.99 8.27 -6.70
N ASN A 89 11.84 7.65 -6.46
N ASN A 89 11.84 7.63 -6.48
CA ASN A 89 10.65 7.98 -7.24
CA ASN A 89 10.63 7.96 -7.22
C ASN A 89 10.13 9.37 -6.92
C ASN A 89 10.18 9.38 -6.92
N LEU A 90 10.21 9.78 -5.64
CA LEU A 90 9.76 11.12 -5.27
C LEU A 90 10.68 12.19 -5.84
N ARG A 91 12.00 11.93 -5.83
CA ARG A 91 12.93 12.88 -6.42
C ARG A 91 12.61 13.12 -7.88
N GLY A 92 12.13 12.10 -8.58
CA GLY A 92 11.80 12.26 -9.99
C GLY A 92 10.69 13.26 -10.23
N ILE A 93 9.70 13.30 -9.33
CA ILE A 93 8.53 14.16 -9.54
C ILE A 93 8.58 15.43 -8.71
N ALA A 94 9.57 15.57 -7.83
CA ALA A 94 9.77 16.82 -7.12
C ALA A 94 10.12 17.93 -8.10
N PRO A 95 9.68 19.16 -7.84
CA PRO A 95 10.00 20.27 -8.74
C PRO A 95 11.41 20.80 -8.52
N LYS A 96 11.89 21.55 -9.52
CA LYS A 96 13.21 22.18 -9.44
C LYS A 96 13.11 23.70 -9.30
N PRO A 112 -1.10 27.77 -1.90
CA PRO A 112 -0.42 26.48 -2.10
C PRO A 112 0.69 26.26 -1.06
N PRO A 113 1.19 25.03 -0.96
CA PRO A 113 2.30 24.75 -0.03
C PRO A 113 3.65 25.03 -0.68
N LYS A 114 4.64 25.29 0.20
CA LYS A 114 6.01 25.58 -0.23
C LYS A 114 6.96 24.52 0.29
N ILE A 115 6.58 23.25 0.21
CA ILE A 115 7.43 22.18 0.71
C ILE A 115 8.61 21.97 -0.23
N THR A 116 9.78 21.82 0.35
CA THR A 116 11.02 21.62 -0.38
C THR A 116 11.40 20.15 -0.38
N TRP A 117 12.42 19.82 -1.19
CA TRP A 117 12.89 18.44 -1.18
C TRP A 117 13.45 18.08 0.18
N GLN A 118 14.18 19.01 0.81
CA GLN A 118 14.72 18.76 2.14
C GLN A 118 13.61 18.48 3.15
N GLY A 119 12.47 19.14 3.02
CA GLY A 119 11.36 18.87 3.93
C GLY A 119 10.75 17.50 3.72
N CYS A 120 10.51 17.14 2.45
CA CYS A 120 10.00 15.81 2.12
C CYS A 120 10.94 14.74 2.64
N SER A 121 12.23 14.93 2.44
CA SER A 121 13.22 13.94 2.85
C SER A 121 13.26 13.79 4.36
N TYR A 122 13.19 14.91 5.09
N TYR A 122 13.21 14.91 5.11
CA TYR A 122 13.17 14.85 6.55
CA TYR A 122 13.18 14.81 6.56
C TYR A 122 11.95 14.09 7.06
C TYR A 122 11.95 14.04 7.03
N ASP A 123 10.77 14.42 6.53
CA ASP A 123 9.54 13.74 6.93
C ASP A 123 9.60 12.25 6.62
N CYS A 124 9.98 11.90 5.39
CA CYS A 124 10.00 10.49 5.02
C CYS A 124 10.98 9.72 5.91
N ASN A 125 12.18 10.25 6.09
CA ASN A 125 13.17 9.54 6.90
C ASN A 125 12.75 9.44 8.35
N MET A 126 12.09 10.47 8.89
CA MET A 126 11.61 10.36 10.27
C MET A 126 10.51 9.30 10.41
N MET A 127 9.58 9.24 9.46
CA MET A 127 8.54 8.23 9.54
C MET A 127 9.13 6.82 9.43
N VAL A 128 10.03 6.59 8.48
CA VAL A 128 10.53 5.21 8.31
C VAL A 128 11.48 4.84 9.44
N SER A 129 12.30 5.78 9.90
CA SER A 129 13.24 5.40 10.96
C SER A 129 12.49 5.12 12.26
N THR A 130 11.42 5.88 12.54
CA THR A 130 10.64 5.61 13.75
CA THR A 130 10.65 5.59 13.76
C THR A 130 9.89 4.29 13.64
N LEU A 131 9.39 3.96 12.43
CA LEU A 131 8.71 2.67 12.28
C LEU A 131 9.68 1.52 12.46
N GLU A 132 10.90 1.65 11.94
CA GLU A 132 11.89 0.59 12.09
C GLU A 132 12.18 0.32 13.56
N THR A 133 12.38 1.37 14.35
CA THR A 133 12.63 1.22 15.78
C THR A 133 11.46 0.53 16.48
N GLU A 134 10.24 0.99 16.19
CA GLU A 134 9.06 0.42 16.83
C GLU A 134 8.89 -1.06 16.48
N GLN A 135 9.08 -1.41 15.20
CA GLN A 135 8.98 -2.81 14.80
C GLN A 135 10.05 -3.67 15.45
N THR A 136 11.29 -3.19 15.47
CA THR A 136 12.37 -3.97 16.08
C THR A 136 12.08 -4.24 17.55
N ASN A 137 11.55 -3.25 18.27
CA ASN A 137 11.22 -3.45 19.67
C ASN A 137 10.13 -4.49 19.82
N ARG A 138 9.07 -4.42 18.98
CA ARG A 138 8.04 -5.45 19.00
C ARG A 138 8.63 -6.81 18.67
N PHE A 139 9.64 -6.86 17.80
CA PHE A 139 10.26 -8.14 17.44
C PHE A 139 10.99 -8.76 18.63
N TYR A 140 11.79 -7.97 19.34
CA TYR A 140 12.52 -8.51 20.48
C TYR A 140 11.57 -8.95 21.59
N ASN A 141 10.47 -8.24 21.78
CA ASN A 141 9.50 -8.67 22.78
C ASN A 141 8.87 -10.01 22.41
N LEU A 142 8.55 -10.20 21.12
CA LEU A 142 8.06 -11.49 20.66
C LEU A 142 9.07 -12.60 20.93
N LEU A 143 10.34 -12.35 20.61
CA LEU A 143 11.37 -13.34 20.85
C LEU A 143 11.45 -13.69 22.33
N ASN A 144 11.49 -12.67 23.18
CA ASN A 144 11.74 -12.91 24.61
C ASN A 144 10.59 -13.66 25.26
N LYS A 145 9.36 -13.50 24.76
CA LYS A 145 8.22 -14.22 25.31
C LYS A 145 8.04 -15.59 24.67
N LYS A 146 9.02 -16.05 23.88
CA LYS A 146 9.03 -17.37 23.26
C LYS A 146 7.72 -17.65 22.51
N ALA A 147 7.45 -16.82 21.50
CA ALA A 147 6.21 -17.00 20.74
C ALA A 147 6.37 -18.14 19.75
N PRO A 148 5.27 -18.82 19.41
CA PRO A 148 5.31 -19.89 18.41
C PRO A 148 5.79 -19.36 17.06
N ILE A 149 6.34 -20.29 16.27
CA ILE A 149 6.93 -19.90 14.99
C ILE A 149 5.88 -19.26 14.07
N ASP A 150 4.64 -19.76 14.12
CA ASP A 150 3.60 -19.20 13.25
C ASP A 150 3.34 -17.74 13.57
N GLU A 151 3.32 -17.42 14.86
CA GLU A 151 3.09 -16.04 15.28
C GLU A 151 4.23 -15.14 14.85
N ILE A 152 5.46 -15.63 14.98
CA ILE A 152 6.62 -14.83 14.60
C ILE A 152 6.63 -14.59 13.09
N LYS A 153 6.33 -15.62 12.30
CA LYS A 153 6.32 -15.46 10.84
C LYS A 153 5.25 -14.45 10.41
N SER A 154 4.05 -14.55 10.99
CA SER A 154 3.01 -13.59 10.66
C SER A 154 3.43 -12.20 11.09
N PHE A 155 4.10 -12.07 12.24
CA PHE A 155 4.55 -10.76 12.69
C PHE A 155 5.51 -10.14 11.67
N ILE A 156 6.49 -10.92 11.20
CA ILE A 156 7.49 -10.35 10.29
C ILE A 156 6.84 -9.95 8.97
N ARG A 157 5.98 -10.83 8.41
N ARG A 157 5.98 -10.82 8.42
CA ARG A 157 5.31 -10.48 7.16
CA ARG A 157 5.31 -10.51 7.16
C ARG A 157 4.42 -9.27 7.35
C ARG A 157 4.38 -9.30 7.33
N SER A 158 3.74 -9.17 8.50
CA SER A 158 2.90 -8.00 8.74
C SER A 158 3.71 -6.72 8.90
N CYS A 159 4.93 -6.80 9.45
CA CYS A 159 5.79 -5.63 9.51
C CYS A 159 6.19 -5.14 8.11
N ILE A 160 6.48 -6.07 7.21
CA ILE A 160 6.81 -5.68 5.84
C ILE A 160 5.59 -5.05 5.18
N ASP A 161 4.40 -5.64 5.38
CA ASP A 161 3.17 -5.04 4.86
C ASP A 161 2.97 -3.63 5.41
N GLU A 162 3.24 -3.45 6.70
CA GLU A 162 3.09 -2.13 7.32
C GLU A 162 4.05 -1.11 6.72
N PHE A 163 5.28 -1.53 6.42
CA PHE A 163 6.22 -0.65 5.73
C PHE A 163 5.75 -0.33 4.30
N ASP A 164 5.17 -1.33 3.61
CA ASP A 164 4.63 -1.05 2.29
C ASP A 164 3.50 -0.02 2.36
N LYS A 165 2.66 -0.10 3.39
CA LYS A 165 1.59 0.88 3.53
C LYS A 165 2.16 2.26 3.85
N LEU A 166 3.18 2.33 4.71
CA LEU A 166 3.79 3.62 4.99
C LEU A 166 4.40 4.21 3.72
N HIS A 167 5.12 3.41 2.94
CA HIS A 167 5.70 3.92 1.70
C HIS A 167 4.62 4.39 0.75
N THR A 168 3.49 3.69 0.71
CA THR A 168 2.36 4.12 -0.11
C THR A 168 1.80 5.44 0.40
N ASP A 169 1.59 5.53 1.73
CA ASP A 169 1.06 6.76 2.30
C ASP A 169 1.94 7.96 1.98
N LEU A 170 3.26 7.79 2.11
CA LEU A 170 4.17 8.90 1.81
C LEU A 170 4.15 9.26 0.33
N TYR A 171 4.15 8.27 -0.56
CA TYR A 171 4.12 8.57 -1.98
CA TYR A 171 4.10 8.53 -1.99
C TYR A 171 2.85 9.34 -2.35
N VAL A 172 1.69 8.88 -1.87
CA VAL A 172 0.42 9.54 -2.15
C VAL A 172 0.46 10.99 -1.66
N LYS A 173 0.94 11.19 -0.42
CA LYS A 173 1.00 12.53 0.16
C LYS A 173 1.84 13.48 -0.68
N TYR A 174 3.04 13.05 -1.09
CA TYR A 174 3.93 13.97 -1.79
C TYR A 174 3.61 14.05 -3.27
N GLU A 175 3.03 12.99 -3.85
CA GLU A 175 2.61 13.09 -5.24
C GLU A 175 1.60 14.21 -5.42
N LYS A 176 0.70 14.35 -4.46
CA LYS A 176 -0.29 15.42 -4.54
C LYS A 176 0.36 16.78 -4.40
N ILE A 177 1.22 16.94 -3.39
CA ILE A 177 1.85 18.24 -3.14
C ILE A 177 2.72 18.63 -4.33
N PHE A 178 3.58 17.72 -4.79
CA PHE A 178 4.50 18.09 -5.86
C PHE A 178 3.77 18.41 -7.15
N SER A 179 2.75 17.61 -7.49
N SER A 179 2.74 17.63 -7.48
CA SER A 179 1.96 17.88 -8.69
CA SER A 179 1.98 17.89 -8.71
C SER A 179 1.31 19.25 -8.62
C SER A 179 1.27 19.24 -8.64
N GLU A 180 0.75 19.61 -7.47
CA GLU A 180 0.10 20.90 -7.31
C GLU A 180 1.10 22.06 -7.36
N GLN A 181 2.33 21.84 -6.87
CA GLN A 181 3.36 22.86 -6.97
C GLN A 181 3.77 23.11 -8.41
N LYS A 182 3.72 22.07 -9.26
CA LYS A 182 4.13 22.23 -10.65
C LYS A 182 3.12 23.01 -11.49
N LEU A 183 2.00 23.41 -10.89
CA LEU A 183 0.90 24.09 -11.59
C LEU A 183 1.12 25.61 -11.59
N GLU A 184 0.10 26.35 -12.05
CA GLU A 184 0.14 27.80 -12.25
C GLU A 184 1.26 28.19 -13.20
N GLU B 45 -23.96 -4.42 6.00
CA GLU B 45 -23.20 -3.29 6.54
C GLU B 45 -21.85 -3.19 5.83
N GLN B 46 -21.22 -2.02 5.90
CA GLN B 46 -19.93 -1.76 5.26
C GLN B 46 -18.92 -1.41 6.35
N LEU B 47 -17.86 -2.19 6.44
CA LEU B 47 -16.81 -1.89 7.40
C LEU B 47 -15.97 -0.69 6.95
N THR B 48 -15.54 0.10 7.92
CA THR B 48 -14.52 1.10 7.64
C THR B 48 -13.20 0.44 7.33
N ARG B 49 -12.31 1.20 6.70
CA ARG B 49 -10.93 0.78 6.52
C ARG B 49 -10.32 0.34 7.83
N GLU B 50 -10.51 1.12 8.88
CA GLU B 50 -9.91 0.79 10.17
C GLU B 50 -10.48 -0.52 10.72
N GLU B 51 -11.78 -0.74 10.54
CA GLU B 51 -12.38 -1.99 10.98
C GLU B 51 -11.86 -3.17 10.17
N LEU B 52 -11.70 -2.98 8.85
CA LEU B 52 -11.18 -4.07 8.02
C LEU B 52 -9.77 -4.45 8.44
N TYR B 53 -8.90 -3.45 8.67
N TYR B 53 -8.89 -3.45 8.65
CA TYR B 53 -7.54 -3.76 9.09
CA TYR B 53 -7.54 -3.74 9.10
C TYR B 53 -7.51 -4.46 10.45
C TYR B 53 -7.53 -4.48 10.43
N GLU B 54 -8.47 -4.13 11.32
CA GLU B 54 -8.59 -4.84 12.59
C GLU B 54 -8.85 -6.33 12.37
N LEU B 55 -9.81 -6.66 11.51
CA LEU B 55 -10.11 -8.07 11.21
C LEU B 55 -8.87 -8.83 10.73
N PHE B 56 -8.04 -8.18 9.90
CA PHE B 56 -6.86 -8.83 9.38
C PHE B 56 -6.02 -9.47 10.48
N ASP B 57 -5.82 -8.76 11.59
CA ASP B 57 -5.02 -9.29 12.69
C ASP B 57 -5.73 -10.40 13.45
N LEU B 58 -7.04 -10.55 13.27
CA LEU B 58 -7.78 -11.62 13.93
C LEU B 58 -7.85 -12.89 13.11
N LEU B 59 -7.51 -12.82 11.82
CA LEU B 59 -7.33 -14.03 11.02
C LEU B 59 -5.92 -14.52 11.29
N VAL B 60 -5.80 -15.54 12.13
CA VAL B 60 -4.50 -16.10 12.50
C VAL B 60 -4.33 -17.45 11.81
N GLN B 61 -5.44 -18.16 11.61
CA GLN B 61 -5.48 -19.40 10.86
C GLN B 61 -6.28 -19.16 9.59
N VAL B 62 -6.35 -20.16 8.72
CA VAL B 62 -7.03 -19.98 7.44
C VAL B 62 -8.53 -20.15 7.62
N PRO B 63 -9.32 -19.12 7.31
CA PRO B 63 -10.74 -19.13 7.63
C PRO B 63 -11.55 -19.68 6.48
N PRO B 64 -12.84 -19.97 6.69
CA PRO B 64 -13.64 -20.52 5.60
C PRO B 64 -13.78 -19.53 4.45
N ARG B 65 -14.10 -20.08 3.28
N ARG B 65 -14.10 -20.08 3.27
CA ARG B 65 -14.18 -19.28 2.07
CA ARG B 65 -14.16 -19.24 2.07
C ARG B 65 -15.19 -18.15 2.21
C ARG B 65 -15.19 -18.14 2.20
N THR B 66 -16.36 -18.45 2.78
CA THR B 66 -17.40 -17.44 2.96
C THR B 66 -16.86 -16.23 3.72
N TYR B 67 -16.05 -16.48 4.73
CA TYR B 67 -15.43 -15.39 5.47
C TYR B 67 -14.54 -14.54 4.56
N LEU B 68 -13.66 -15.20 3.79
CA LEU B 68 -12.74 -14.46 2.93
C LEU B 68 -13.49 -13.69 1.85
N LEU B 69 -14.56 -14.27 1.29
CA LEU B 69 -15.37 -13.54 0.31
C LEU B 69 -16.01 -12.32 0.95
N ASN B 70 -16.49 -12.46 2.18
CA ASN B 70 -17.06 -11.34 2.92
C ASN B 70 -16.05 -10.22 3.12
N ILE B 71 -14.81 -10.59 3.47
CA ILE B 71 -13.75 -9.60 3.63
C ILE B 71 -13.48 -8.89 2.31
N TRP B 72 -13.51 -9.65 1.21
CA TRP B 72 -13.26 -9.04 -0.10
C TRP B 72 -14.36 -8.05 -0.45
N ASN B 73 -15.59 -8.34 -0.09
CA ASN B 73 -16.67 -7.41 -0.40
C ASN B 73 -16.50 -6.10 0.37
N HIS B 74 -16.03 -6.16 1.62
CA HIS B 74 -15.74 -4.94 2.35
C HIS B 74 -14.57 -4.18 1.73
N LYS B 75 -13.55 -4.91 1.28
CA LYS B 75 -12.47 -4.27 0.52
C LYS B 75 -13.04 -3.53 -0.69
N ASN B 76 -13.92 -4.19 -1.45
CA ASN B 76 -14.54 -3.54 -2.61
C ASN B 76 -15.28 -2.28 -2.20
N GLY B 77 -16.03 -2.34 -1.09
CA GLY B 77 -16.78 -1.18 -0.64
C GLY B 77 -15.88 0.00 -0.28
N ILE B 78 -14.75 -0.28 0.36
CA ILE B 78 -13.77 0.75 0.72
C ILE B 78 -13.18 1.39 -0.53
N CYS B 79 -12.79 0.57 -1.52
CA CYS B 79 -12.20 1.15 -2.73
C CYS B 79 -13.23 1.91 -3.55
N ARG B 80 -14.49 1.46 -3.54
CA ARG B 80 -15.53 2.17 -4.29
C ARG B 80 -15.83 3.52 -3.66
N GLN B 81 -15.83 3.60 -2.32
CA GLN B 81 -15.98 4.90 -1.68
C GLN B 81 -14.80 5.81 -2.02
N GLY B 82 -13.59 5.27 -2.08
CA GLY B 82 -12.46 6.05 -2.56
C GLY B 82 -12.68 6.59 -3.97
N THR B 83 -13.29 5.78 -4.84
CA THR B 83 -13.60 6.27 -6.18
C THR B 83 -14.67 7.37 -6.15
N LYS B 84 -15.73 7.19 -5.35
CA LYS B 84 -16.73 8.25 -5.22
C LYS B 84 -16.10 9.55 -4.71
N ASP B 85 -15.19 9.45 -3.72
CA ASP B 85 -14.53 10.64 -3.18
C ASP B 85 -13.69 11.31 -4.25
N LEU B 86 -12.95 10.52 -5.03
CA LEU B 86 -12.15 11.08 -6.12
C LEU B 86 -13.01 11.89 -7.08
N LEU B 87 -14.15 11.33 -7.50
CA LEU B 87 -14.99 12.04 -8.46
C LEU B 87 -15.60 13.29 -7.86
N LYS B 88 -15.95 13.23 -6.57
CA LYS B 88 -16.43 14.44 -5.88
C LYS B 88 -15.37 15.54 -5.95
N ASN B 89 -14.14 15.21 -5.56
CA ASN B 89 -13.07 16.20 -5.58
C ASN B 89 -12.82 16.71 -6.99
N LEU B 90 -12.86 15.80 -7.97
CA LEU B 90 -12.59 16.20 -9.35
C LEU B 90 -13.66 17.16 -9.85
N ARG B 91 -14.92 16.95 -9.42
CA ARG B 91 -16.01 17.86 -9.78
C ARG B 91 -15.70 19.29 -9.36
N GLY B 92 -15.07 19.46 -8.19
CA GLY B 92 -14.69 20.79 -7.76
C GLY B 92 -13.84 21.52 -8.78
N ILE B 93 -12.89 20.82 -9.41
CA ILE B 93 -11.94 21.47 -10.30
C ILE B 93 -12.30 21.34 -11.77
N ALA B 94 -13.41 20.70 -12.10
CA ALA B 94 -13.78 20.52 -13.49
C ALA B 94 -14.28 21.85 -14.07
N PRO B 95 -14.21 22.01 -15.40
CA PRO B 95 -14.77 23.21 -16.01
C PRO B 95 -16.30 23.22 -15.95
N LYS B 96 -16.86 24.42 -15.92
CA LYS B 96 -18.32 24.57 -15.94
C LYS B 96 -18.73 25.66 -16.91
N SER B 111 -7.11 23.12 -32.09
CA SER B 111 -6.24 22.49 -31.11
C SER B 111 -6.81 21.10 -30.80
N PRO B 112 -6.16 20.30 -29.95
CA PRO B 112 -6.77 19.01 -29.55
C PRO B 112 -8.09 19.24 -28.84
N PRO B 113 -8.90 18.19 -28.66
CA PRO B 113 -10.20 18.37 -28.00
C PRO B 113 -10.02 18.80 -26.55
N LYS B 114 -10.93 19.68 -26.10
CA LYS B 114 -10.96 20.05 -24.69
C LYS B 114 -11.44 18.87 -23.85
N ILE B 115 -10.78 18.66 -22.72
CA ILE B 115 -11.21 17.60 -21.82
C ILE B 115 -12.40 18.10 -21.02
N THR B 116 -13.45 17.30 -20.96
CA THR B 116 -14.69 17.66 -20.32
C THR B 116 -14.89 16.79 -19.09
N TRP B 117 -15.98 17.06 -18.36
CA TRP B 117 -16.30 16.21 -17.23
C TRP B 117 -16.60 14.79 -17.67
N GLN B 118 -17.37 14.65 -18.76
CA GLN B 118 -17.70 13.32 -19.28
C GLN B 118 -16.45 12.48 -19.51
N GLY B 119 -15.49 13.03 -20.27
CA GLY B 119 -14.27 12.27 -20.54
C GLY B 119 -13.55 11.87 -19.27
N CYS B 120 -13.30 12.86 -18.39
CA CYS B 120 -12.66 12.57 -17.11
C CYS B 120 -13.38 11.44 -16.39
N SER B 121 -14.71 11.49 -16.37
CA SER B 121 -15.49 10.48 -15.65
C SER B 121 -15.39 9.11 -16.32
N TYR B 122 -15.50 9.07 -17.66
CA TYR B 122 -15.37 7.80 -18.38
C TYR B 122 -14.02 7.14 -18.08
N ASP B 123 -12.95 7.92 -18.18
CA ASP B 123 -11.60 7.40 -17.98
C ASP B 123 -11.42 6.86 -16.57
N CYS B 124 -11.83 7.65 -15.57
N CYS B 124 -11.81 7.64 -15.56
CA CYS B 124 -11.64 7.25 -14.18
CA CYS B 124 -11.61 7.19 -14.18
C CYS B 124 -12.40 5.96 -13.89
C CYS B 124 -12.38 5.91 -13.92
N ASN B 125 -13.64 5.86 -14.36
CA ASN B 125 -14.45 4.68 -14.07
C ASN B 125 -13.93 3.45 -14.81
N MET B 126 -13.43 3.63 -16.03
CA MET B 126 -12.79 2.50 -16.70
C MET B 126 -11.53 2.03 -15.96
N MET B 127 -10.68 2.97 -15.54
CA MET B 127 -9.46 2.58 -14.84
C MET B 127 -9.78 1.85 -13.54
N VAL B 128 -10.70 2.37 -12.74
CA VAL B 128 -10.96 1.73 -11.44
C VAL B 128 -11.74 0.44 -11.62
N SER B 129 -12.68 0.41 -12.58
CA SER B 129 -13.46 -0.82 -12.74
C SER B 129 -12.57 -1.95 -13.26
N THR B 130 -11.61 -1.63 -14.13
N THR B 130 -11.60 -1.63 -14.14
CA THR B 130 -10.73 -2.67 -14.64
CA THR B 130 -10.71 -2.67 -14.65
C THR B 130 -9.76 -3.16 -13.56
C THR B 130 -9.76 -3.16 -13.57
N LEU B 131 -9.26 -2.25 -12.73
CA LEU B 131 -8.42 -2.69 -11.61
C LEU B 131 -9.22 -3.57 -10.65
N GLU B 132 -10.47 -3.20 -10.39
CA GLU B 132 -11.31 -4.05 -9.54
C GLU B 132 -11.39 -5.47 -10.11
N THR B 133 -11.66 -5.58 -11.41
CA THR B 133 -11.78 -6.89 -12.02
C THR B 133 -10.48 -7.67 -11.92
N GLU B 134 -9.37 -7.02 -12.24
CA GLU B 134 -8.07 -7.70 -12.20
C GLU B 134 -7.72 -8.13 -10.79
N GLN B 135 -7.96 -7.28 -9.80
CA GLN B 135 -7.61 -7.68 -8.43
C GLN B 135 -8.49 -8.85 -7.97
N THR B 136 -9.79 -8.81 -8.28
CA THR B 136 -10.68 -9.91 -7.92
C THR B 136 -10.22 -11.23 -8.55
N ASN B 137 -9.74 -11.18 -9.80
N ASN B 137 -9.78 -11.17 -9.81
CA ASN B 137 -9.26 -12.39 -10.44
CA ASN B 137 -9.24 -12.37 -10.46
C ASN B 137 -8.01 -12.92 -9.75
C ASN B 137 -8.04 -12.92 -9.69
N ARG B 138 -7.12 -12.04 -9.30
CA ARG B 138 -5.96 -12.48 -8.55
C ARG B 138 -6.37 -13.03 -7.19
N PHE B 139 -7.39 -12.44 -6.58
CA PHE B 139 -7.88 -12.94 -5.30
C PHE B 139 -8.40 -14.37 -5.42
N TYR B 140 -9.24 -14.62 -6.43
CA TYR B 140 -9.78 -15.97 -6.61
C TYR B 140 -8.68 -16.96 -6.94
N ASN B 141 -7.63 -16.54 -7.66
CA ASN B 141 -6.49 -17.42 -7.90
C ASN B 141 -5.85 -17.87 -6.59
N LEU B 142 -5.66 -16.94 -5.65
CA LEU B 142 -5.05 -17.30 -4.37
C LEU B 142 -5.94 -18.27 -3.62
N LEU B 143 -7.24 -18.00 -3.58
CA LEU B 143 -8.18 -18.91 -2.93
C LEU B 143 -8.05 -20.31 -3.51
N ASN B 144 -8.14 -20.41 -4.84
CA ASN B 144 -8.16 -21.72 -5.50
C ASN B 144 -6.85 -22.48 -5.34
N LYS B 145 -5.72 -21.78 -5.25
CA LYS B 145 -4.44 -22.45 -5.02
C LYS B 145 -4.17 -22.67 -3.54
N LYS B 146 -5.14 -22.33 -2.68
CA LYS B 146 -5.07 -22.58 -1.24
C LYS B 146 -3.88 -21.85 -0.59
N ALA B 147 -3.80 -20.55 -0.87
CA ALA B 147 -2.72 -19.74 -0.33
C ALA B 147 -2.86 -19.63 1.19
N PRO B 148 -1.75 -19.68 1.92
CA PRO B 148 -1.80 -19.50 3.38
C PRO B 148 -2.27 -18.10 3.74
N ILE B 149 -2.77 -17.98 4.98
CA ILE B 149 -3.47 -16.75 5.36
C ILE B 149 -2.53 -15.54 5.33
N ASP B 150 -1.24 -15.71 5.71
CA ASP B 150 -0.31 -14.57 5.67
C ASP B 150 -0.18 -14.02 4.25
N GLU B 151 -0.20 -14.90 3.25
CA GLU B 151 -0.12 -14.45 1.87
C GLU B 151 -1.39 -13.74 1.43
N ILE B 152 -2.55 -14.25 1.84
CA ILE B 152 -3.81 -13.59 1.48
C ILE B 152 -3.88 -12.20 2.13
N LYS B 153 -3.47 -12.11 3.39
CA LYS B 153 -3.51 -10.83 4.09
C LYS B 153 -2.61 -9.80 3.41
N SER B 154 -1.37 -10.19 3.05
CA SER B 154 -0.50 -9.29 2.31
C SER B 154 -1.14 -8.86 0.99
N PHE B 155 -1.74 -9.81 0.28
CA PHE B 155 -2.35 -9.49 -1.01
C PHE B 155 -3.48 -8.47 -0.86
N ILE B 156 -4.38 -8.68 0.11
CA ILE B 156 -5.49 -7.75 0.24
C ILE B 156 -5.00 -6.37 0.63
N ARG B 157 -4.05 -6.32 1.58
CA ARG B 157 -3.45 -5.05 1.95
C ARG B 157 -2.81 -4.37 0.74
N SER B 158 -2.09 -5.14 -0.07
CA SER B 158 -1.42 -4.56 -1.24
C SER B 158 -2.43 -4.06 -2.28
N CYS B 159 -3.58 -4.73 -2.40
CA CYS B 159 -4.62 -4.27 -3.33
C CYS B 159 -5.20 -2.92 -2.91
N ILE B 160 -5.34 -2.71 -1.61
CA ILE B 160 -5.84 -1.41 -1.14
C ILE B 160 -4.79 -0.33 -1.38
N ASP B 161 -3.50 -0.64 -1.16
CA ASP B 161 -2.45 0.31 -1.51
C ASP B 161 -2.47 0.65 -3.00
N GLU B 162 -2.64 -0.38 -3.85
CA GLU B 162 -2.66 -0.16 -5.29
C GLU B 162 -3.83 0.75 -5.70
N PHE B 163 -4.98 0.58 -5.05
CA PHE B 163 -6.13 1.44 -5.34
C PHE B 163 -5.90 2.87 -4.86
N ASP B 164 -5.31 3.04 -3.68
CA ASP B 164 -4.95 4.39 -3.23
C ASP B 164 -4.00 5.07 -4.22
N LYS B 165 -3.03 4.33 -4.74
N LYS B 165 -3.02 4.34 -4.74
CA LYS B 165 -2.11 4.91 -5.73
CA LYS B 165 -2.12 4.90 -5.73
C LYS B 165 -2.84 5.28 -7.02
C LYS B 165 -2.86 5.29 -7.00
N LEU B 166 -3.76 4.42 -7.47
CA LEU B 166 -4.48 4.72 -8.71
C LEU B 166 -5.34 5.95 -8.53
N HIS B 167 -6.08 6.03 -7.41
CA HIS B 167 -6.88 7.21 -7.13
C HIS B 167 -6.03 8.48 -7.11
N THR B 168 -4.85 8.43 -6.50
CA THR B 168 -4.00 9.63 -6.50
C THR B 168 -3.49 9.93 -7.90
N ASP B 169 -3.03 8.90 -8.63
CA ASP B 169 -2.54 9.12 -9.99
C ASP B 169 -3.62 9.78 -10.86
N LEU B 170 -4.87 9.32 -10.75
CA LEU B 170 -5.95 9.89 -11.55
C LEU B 170 -6.19 11.35 -11.17
N TYR B 171 -6.24 11.64 -9.86
CA TYR B 171 -6.48 13.01 -9.43
C TYR B 171 -5.41 13.95 -9.97
N VAL B 172 -4.15 13.56 -9.84
CA VAL B 172 -3.04 14.39 -10.29
C VAL B 172 -3.12 14.58 -11.81
N LYS B 173 -3.50 13.52 -12.53
CA LYS B 173 -3.62 13.61 -13.98
C LYS B 173 -4.64 14.67 -14.38
N TYR B 174 -5.80 14.65 -13.74
CA TYR B 174 -6.84 15.60 -14.12
C TYR B 174 -6.60 16.99 -13.56
N GLU B 175 -6.04 17.07 -12.34
CA GLU B 175 -5.63 18.37 -11.84
C GLU B 175 -4.75 19.10 -12.86
N LYS B 176 -3.77 18.39 -13.44
CA LYS B 176 -2.88 18.99 -14.43
C LYS B 176 -3.63 19.37 -15.71
N ILE B 177 -4.44 18.44 -16.22
CA ILE B 177 -5.15 18.67 -17.49
C ILE B 177 -6.11 19.84 -17.36
N PHE B 178 -6.89 19.88 -16.28
CA PHE B 178 -7.86 20.95 -16.08
C PHE B 178 -7.19 22.29 -15.82
N SER B 179 -5.98 22.26 -15.24
CA SER B 179 -5.25 23.49 -14.98
C SER B 179 -4.70 24.09 -16.28
N GLU B 180 -4.09 23.25 -17.11
CA GLU B 180 -3.52 23.73 -18.36
C GLU B 180 -4.60 24.27 -19.29
N GLN B 181 -5.73 23.57 -19.41
CA GLN B 181 -6.81 24.03 -20.28
C GLN B 181 -7.29 25.42 -19.89
N LYS B 182 -7.26 25.75 -18.60
CA LYS B 182 -7.89 26.96 -18.08
C LYS B 182 -7.17 28.24 -18.53
N LEU B 183 -6.31 28.14 -19.53
CA LEU B 183 -5.62 29.30 -20.07
C LEU B 183 -5.75 29.36 -21.60
HG HG C . -6.95 14.76 -3.64
#